data_1INC
#
_entry.id   1INC
#
_cell.length_a   52.100
_cell.length_b   58.000
_cell.length_c   75.100
_cell.angle_alpha   90.00
_cell.angle_beta   90.00
_cell.angle_gamma   90.00
#
_symmetry.space_group_name_H-M   'P 21 21 21'
#
loop_
_entity.id
_entity.type
_entity.pdbx_description
1 polymer 'PORCINE PANCREATIC ELASTASE'
2 non-polymer 'SULFATE ION'
3 non-polymer 'CALCIUM ION'
4 non-polymer '[1-(3-CHLORO-2-FORMYL-PHENYLCARBAMOYL)-2-METHYL-PROPYL]-CARBAMIC ACID TERT-BUTYL ESTER'
5 water water
#
_entity_poly.entity_id   1
_entity_poly.type   'polypeptide(L)'
_entity_poly.pdbx_seq_one_letter_code
;VVGGTEAQRNSWPSQISLQYRSGSSWAHTCGGTLIRQNWVMTAAHCVDRELTFRVVVGEHNLNQNNGTEQYVGVQKIVVH
PYWNTDDVAAGYDIALLRLAQSVTLNSYVQLGVLPRAGTILANNSPCYITGWGLTRTNGQLAQTLQQAYLPTVDYAICSS
SSYWGSTVKNSMVCAGGDGVRSGCQGDSGGPLHCLVNGQYAVHGVTSFVSRLGCNVTRKPTVFTRVSAYISWINNVIASN
;
_entity_poly.pdbx_strand_id   A
#
loop_
_chem_comp.id
_chem_comp.type
_chem_comp.name
_chem_comp.formula
CA non-polymer 'CALCIUM ION' 'Ca 2'
ICL non-polymer '[1-(3-CHLORO-2-FORMYL-PHENYLCARBAMOYL)-2-METHYL-PROPYL]-CARBAMIC ACID TERT-BUTYL ESTER' 'C17 H23 Cl N2 O4'
SO4 non-polymer 'SULFATE ION' 'O4 S -2'
#
# COMPACT_ATOMS: atom_id res chain seq x y z
N VAL A 1 0.22 -2.48 -10.66
CA VAL A 1 1.19 -1.45 -11.10
C VAL A 1 1.29 -1.38 -12.63
N VAL A 2 0.95 -0.20 -13.15
CA VAL A 2 1.09 0.13 -14.56
C VAL A 2 2.52 0.56 -14.78
N GLY A 3 3.16 0.06 -15.81
CA GLY A 3 4.51 0.48 -16.18
C GLY A 3 5.56 0.01 -15.21
N GLY A 4 5.34 -1.14 -14.59
CA GLY A 4 6.29 -1.74 -13.68
C GLY A 4 7.39 -2.58 -14.36
N THR A 5 8.18 -3.12 -13.48
CA THR A 5 8.98 -4.33 -13.70
C THR A 5 8.87 -5.37 -12.62
N GLU A 6 8.95 -6.60 -13.02
CA GLU A 6 9.01 -7.72 -12.12
C GLU A 6 10.08 -7.48 -11.06
N ALA A 7 9.67 -7.51 -9.82
CA ALA A 7 10.59 -7.29 -8.71
C ALA A 7 11.44 -8.52 -8.54
N GLN A 8 12.70 -8.28 -8.02
CA GLN A 8 13.40 -9.46 -7.51
C GLN A 8 12.62 -9.99 -6.29
N ARG A 9 12.74 -11.27 -6.14
CA ARG A 9 12.01 -12.09 -5.13
C ARG A 9 12.17 -11.64 -3.71
N ASN A 10 13.30 -11.00 -3.45
CA ASN A 10 13.64 -10.62 -2.09
C ASN A 10 13.78 -9.13 -1.88
N SER A 11 13.49 -8.39 -2.96
CA SER A 11 13.66 -6.97 -2.75
C SER A 11 12.71 -6.38 -1.74
N TRP A 12 11.46 -6.82 -1.71
CA TRP A 12 10.45 -6.10 -0.86
C TRP A 12 9.66 -6.88 0.19
N PRO A 13 10.34 -7.39 1.13
CA PRO A 13 9.86 -8.47 1.97
C PRO A 13 8.90 -8.12 3.13
N SER A 14 8.57 -6.79 3.27
CA SER A 14 7.41 -6.22 3.98
C SER A 14 6.11 -6.09 3.20
N GLN A 15 6.13 -6.48 1.90
CA GLN A 15 4.94 -6.67 1.08
C GLN A 15 4.09 -7.83 1.51
N ILE A 16 2.81 -7.62 1.65
CA ILE A 16 1.91 -8.74 1.81
C ILE A 16 0.83 -8.69 0.76
N SER A 17 0.19 -9.77 0.44
CA SER A 17 -1.03 -9.85 -0.27
C SER A 17 -2.15 -10.02 0.75
N LEU A 18 -3.15 -9.13 0.59
CA LEU A 18 -4.44 -9.15 1.26
C LEU A 18 -5.48 -9.88 0.46
N GLN A 19 -5.96 -10.97 0.94
CA GLN A 19 -6.86 -11.88 0.20
C GLN A 19 -8.21 -12.07 0.90
N TYR A 20 -9.29 -12.27 0.10
CA TYR A 20 -10.65 -12.64 0.58
C TYR A 20 -11.16 -13.99 0.16
N ARG A 21 -11.90 -14.67 1.05
CA ARG A 21 -12.42 -16.04 0.66
C ARG A 21 -13.57 -15.96 -0.32
N SER A 22 -13.25 -16.36 -1.57
CA SER A 22 -14.07 -16.06 -2.75
C SER A 22 -14.76 -17.31 -3.34
N GLY A 23 -15.88 -17.79 -2.72
CA GLY A 23 -16.44 -19.10 -3.09
C GLY A 23 -15.84 -20.20 -2.22
N SER A 24 -15.04 -21.07 -2.86
CA SER A 24 -14.08 -21.96 -2.14
C SER A 24 -12.61 -21.66 -2.49
N SER A 25 -12.31 -20.44 -2.98
CA SER A 25 -10.99 -19.99 -3.30
C SER A 25 -10.64 -18.71 -2.52
N TRP A 26 -9.46 -18.18 -2.74
CA TRP A 26 -9.04 -16.96 -2.07
C TRP A 26 -8.54 -16.05 -3.20
N ALA A 27 -8.97 -14.82 -3.14
CA ALA A 27 -8.53 -13.95 -4.17
C ALA A 27 -7.82 -12.74 -3.61
N HIS A 28 -6.80 -12.29 -4.41
CA HIS A 28 -6.02 -11.11 -4.07
C HIS A 28 -6.89 -9.86 -4.15
N THR A 29 -6.90 -9.03 -3.10
CA THR A 29 -7.75 -7.79 -3.31
C THR A 29 -6.98 -6.46 -3.17
N CYS A 30 -5.94 -6.55 -2.41
CA CYS A 30 -5.09 -5.54 -1.85
C CYS A 30 -3.68 -5.92 -1.49
N GLY A 31 -2.93 -4.88 -1.40
CA GLY A 31 -1.65 -4.82 -0.70
C GLY A 31 -1.70 -4.48 0.79
N GLY A 32 -0.54 -4.59 1.42
CA GLY A 32 -0.27 -4.31 2.84
C GLY A 32 1.24 -4.22 3.12
N THR A 33 1.62 -3.89 4.35
CA THR A 33 2.93 -3.91 4.92
C THR A 33 2.85 -4.60 6.29
N LEU A 34 3.71 -5.61 6.44
CA LEU A 34 3.99 -6.26 7.73
C LEU A 34 4.87 -5.34 8.56
N ILE A 35 4.24 -4.75 9.59
CA ILE A 35 4.83 -3.78 10.44
C ILE A 35 5.25 -4.28 11.81
N ARG A 36 4.66 -5.37 12.26
CA ARG A 36 5.01 -6.28 13.39
C ARG A 36 4.78 -7.73 12.96
N GLN A 37 5.30 -8.81 13.65
CA GLN A 37 5.18 -10.15 13.16
C GLN A 37 3.76 -10.53 13.19
N ASN A 38 2.97 -9.77 13.98
CA ASN A 38 1.53 -9.93 14.13
C ASN A 38 0.61 -8.79 13.70
N TRP A 39 1.08 -7.74 12.96
CA TRP A 39 0.37 -6.54 12.62
C TRP A 39 0.74 -6.10 11.20
N VAL A 40 -0.33 -5.83 10.35
CA VAL A 40 -0.19 -5.48 8.96
C VAL A 40 -0.91 -4.13 8.75
N MET A 41 -0.25 -3.15 8.11
CA MET A 41 -0.84 -1.85 7.87
C MET A 41 -1.37 -1.91 6.46
N THR A 42 -2.61 -1.48 6.19
CA THR A 42 -3.30 -1.53 4.90
C THR A 42 -4.20 -0.33 4.80
N ALA A 43 -5.00 -0.19 3.70
CA ALA A 43 -5.93 0.86 3.52
C ALA A 43 -7.21 0.45 4.24
N ALA A 44 -7.93 1.46 4.76
CA ALA A 44 -9.24 1.27 5.27
C ALA A 44 -10.16 0.79 4.19
N HIS A 45 -10.08 1.45 3.03
CA HIS A 45 -10.88 0.97 1.91
C HIS A 45 -10.86 -0.53 1.56
N CYS A 46 -9.76 -1.29 1.89
CA CYS A 46 -9.54 -2.68 1.58
C CYS A 46 -10.31 -3.60 2.50
N VAL A 47 -10.60 -3.08 3.69
CA VAL A 47 -11.46 -3.79 4.59
C VAL A 47 -12.83 -3.22 4.92
N ASP A 48 -13.40 -2.48 4.01
CA ASP A 48 -14.76 -2.00 4.01
C ASP A 48 -15.80 -3.11 3.87
N ARG A 49 -15.54 -4.11 3.04
CA ARG A 49 -16.53 -5.16 2.86
C ARG A 49 -16.48 -6.15 4.02
N GLU A 50 -17.62 -6.81 4.36
CA GLU A 50 -17.57 -7.80 5.43
C GLU A 50 -17.32 -9.23 4.95
N LEU A 51 -16.05 -9.44 4.64
CA LEU A 51 -15.45 -10.59 3.99
C LEU A 51 -14.58 -11.33 4.98
N THR A 52 -14.20 -12.60 4.63
CA THR A 52 -13.15 -13.32 5.37
C THR A 52 -11.80 -13.04 4.67
N PHE A 53 -10.88 -12.49 5.45
CA PHE A 53 -9.57 -11.99 4.99
C PHE A 53 -8.45 -12.87 5.51
N ARG A 54 -7.50 -13.11 4.62
CA ARG A 54 -6.18 -13.61 5.05
C ARG A 54 -5.03 -12.82 4.42
N VAL A 55 -3.87 -12.95 5.05
CA VAL A 55 -2.64 -12.36 4.66
C VAL A 55 -1.71 -13.43 4.20
N VAL A 56 -1.08 -13.12 3.13
CA VAL A 56 0.11 -13.88 2.69
C VAL A 56 1.40 -13.08 2.58
N VAL A 57 2.34 -13.46 3.43
CA VAL A 57 3.71 -13.00 3.49
C VAL A 57 4.70 -13.93 2.74
N GLY A 58 5.76 -13.33 2.16
CA GLY A 58 6.66 -14.17 1.37
C GLY A 58 6.18 -14.52 -0.05
N GLU A 59 5.14 -13.82 -0.47
CA GLU A 59 4.49 -14.05 -1.73
C GLU A 59 5.31 -13.39 -2.79
N HIS A 60 5.50 -14.11 -3.88
CA HIS A 60 6.09 -13.56 -5.14
C HIS A 60 5.14 -13.77 -6.34
N ASN A 61 4.77 -15.03 -6.62
CA ASN A 61 3.84 -15.37 -7.66
C ASN A 61 2.49 -15.81 -7.09
N LEU A 62 1.48 -15.00 -7.39
CA LEU A 62 0.16 -15.24 -6.80
C LEU A 62 -0.43 -16.62 -7.13
N ASN A 63 -0.12 -17.13 -8.31
CA ASN A 63 -0.74 -18.34 -8.90
C ASN A 63 0.12 -19.58 -8.69
N GLN A 64 1.29 -19.41 -8.08
CA GLN A 64 2.23 -20.53 -8.05
C GLN A 64 2.94 -20.65 -6.74
N ASN A 65 3.19 -21.89 -6.38
CA ASN A 65 3.95 -22.13 -5.13
C ASN A 65 5.45 -21.73 -5.22
N ASN A 66 5.84 -20.70 -4.43
CA ASN A 66 7.17 -20.08 -4.40
C ASN A 66 8.07 -20.83 -3.47
N GLY A 67 7.39 -21.61 -2.66
CA GLY A 67 7.96 -22.27 -1.49
C GLY A 67 8.36 -21.27 -0.41
N THR A 68 7.90 -19.98 -0.42
CA THR A 68 8.30 -19.09 0.65
C THR A 68 7.16 -18.58 1.55
N GLU A 69 5.93 -18.76 1.01
CA GLU A 69 4.67 -18.22 1.52
C GLU A 69 4.39 -18.69 2.94
N GLN A 70 3.87 -17.74 3.76
CA GLN A 70 3.12 -17.98 4.95
C GLN A 70 1.72 -17.35 4.98
N TYR A 71 0.72 -18.21 5.27
CA TYR A 71 -0.70 -17.93 5.19
C TYR A 71 -1.30 -17.82 6.60
N VAL A 72 -1.79 -16.60 6.83
CA VAL A 72 -2.16 -16.20 8.17
C VAL A 72 -3.53 -15.53 8.16
N GLY A 73 -4.44 -16.02 9.08
CA GLY A 73 -5.77 -15.46 9.45
C GLY A 73 -5.70 -13.99 9.90
N VAL A 74 -6.74 -13.15 9.55
CA VAL A 74 -6.90 -11.90 10.30
C VAL A 74 -7.80 -12.11 11.52
N GLN A 75 -7.24 -11.74 12.66
CA GLN A 75 -7.93 -11.77 13.88
C GLN A 75 -8.80 -10.56 14.17
N LYS A 76 -8.25 -9.36 13.93
CA LYS A 76 -8.90 -8.18 14.29
C LYS A 76 -8.60 -7.05 13.30
N ILE A 77 -9.61 -6.27 13.01
CA ILE A 77 -9.38 -5.18 12.09
C ILE A 77 -9.71 -3.88 12.74
N VAL A 78 -8.75 -2.92 12.76
CA VAL A 78 -9.06 -1.65 13.35
C VAL A 78 -8.87 -0.56 12.33
N VAL A 79 -9.92 0.01 11.84
CA VAL A 79 -9.89 1.12 10.90
C VAL A 79 -9.87 2.43 11.65
N HIS A 80 -9.21 3.42 11.02
CA HIS A 80 -9.11 4.66 11.62
C HIS A 80 -10.55 5.15 11.85
N PRO A 81 -10.86 5.51 13.12
CA PRO A 81 -12.16 6.06 13.57
C PRO A 81 -12.75 7.20 12.72
N TYR A 82 -11.95 7.95 11.95
CA TYR A 82 -12.47 9.01 11.07
C TYR A 82 -12.59 8.53 9.65
N TRP A 83 -12.22 7.29 9.34
CA TRP A 83 -12.37 6.83 7.95
C TRP A 83 -13.84 6.88 7.60
N ASN A 84 -14.09 7.52 6.47
CA ASN A 84 -15.39 7.41 5.83
C ASN A 84 -15.33 6.92 4.40
N THR A 85 -15.95 5.76 4.31
CA THR A 85 -16.30 4.85 3.16
C THR A 85 -16.76 5.54 1.87
N ASP A 86 -17.52 6.66 2.04
CA ASP A 86 -18.01 7.60 0.99
C ASP A 86 -17.15 8.83 0.73
N ASP A 87 -16.11 9.06 1.54
CA ASP A 87 -15.21 10.22 1.34
C ASP A 87 -13.74 9.78 1.39
N VAL A 88 -13.13 9.22 0.33
CA VAL A 88 -11.72 8.67 0.37
C VAL A 88 -10.82 9.88 0.27
N ALA A 89 -11.41 10.95 -0.29
CA ALA A 89 -10.69 12.16 -0.36
C ALA A 89 -10.57 12.92 0.94
N ALA A 90 -11.30 12.53 1.99
CA ALA A 90 -11.20 13.06 3.30
C ALA A 90 -10.05 12.46 4.05
N GLY A 91 -9.45 11.44 3.42
CA GLY A 91 -8.23 10.90 3.94
C GLY A 91 -8.60 9.86 5.02
N TYR A 92 -7.73 9.50 5.93
CA TYR A 92 -7.85 8.52 6.98
C TYR A 92 -7.93 7.15 6.34
N ASP A 93 -7.33 6.99 5.16
CA ASP A 93 -7.41 5.69 4.51
C ASP A 93 -6.41 4.63 5.01
N ILE A 94 -6.54 4.23 6.29
CA ILE A 94 -5.58 3.39 6.96
C ILE A 94 -6.32 2.42 7.87
N ALA A 95 -5.85 1.20 7.90
CA ALA A 95 -6.25 0.16 8.82
C ALA A 95 -5.07 -0.66 9.31
N LEU A 96 -5.27 -1.25 10.47
CA LEU A 96 -4.27 -2.08 11.08
C LEU A 96 -4.88 -3.44 11.40
N LEU A 97 -4.30 -4.47 10.81
CA LEU A 97 -4.83 -5.79 10.94
C LEU A 97 -3.98 -6.63 11.91
N ARG A 98 -4.65 -7.14 12.93
CA ARG A 98 -3.95 -8.00 13.84
C ARG A 98 -4.06 -9.46 13.34
N LEU A 99 -2.95 -10.12 13.01
CA LEU A 99 -3.13 -11.50 12.52
C LEU A 99 -3.18 -12.52 13.65
N ALA A 100 -3.78 -13.67 13.32
CA ALA A 100 -4.10 -14.80 14.17
C ALA A 100 -2.85 -15.44 14.73
N GLN A 101 -1.81 -15.28 13.96
CA GLN A 101 -0.48 -15.74 14.39
C GLN A 101 0.53 -14.75 14.01
N SER A 102 1.59 -14.87 14.79
CA SER A 102 2.81 -14.27 14.40
C SER A 102 3.48 -15.03 13.23
N VAL A 103 3.99 -14.29 12.24
CA VAL A 103 4.86 -14.81 11.18
C VAL A 103 6.33 -14.85 11.60
N THR A 104 7.03 -15.80 10.99
CA THR A 104 8.40 -16.10 11.01
C THR A 104 9.16 -15.23 9.99
N LEU A 105 10.09 -14.40 10.52
CA LEU A 105 10.89 -13.55 9.68
C LEU A 105 12.08 -14.31 9.10
N ASN A 106 12.26 -14.21 7.78
CA ASN A 106 13.42 -14.78 7.02
C ASN A 106 13.86 -13.84 5.90
N SER A 107 14.55 -14.21 4.82
CA SER A 107 14.88 -13.09 3.94
C SER A 107 13.82 -12.55 3.04
N TYR A 108 12.71 -13.30 2.98
CA TYR A 108 11.47 -13.10 2.27
C TYR A 108 10.40 -12.38 3.10
N VAL A 109 10.51 -12.36 4.43
CA VAL A 109 9.56 -11.80 5.30
C VAL A 109 10.24 -10.96 6.38
N GLN A 110 10.14 -9.66 6.26
CA GLN A 110 10.75 -8.68 7.14
C GLN A 110 9.77 -7.56 7.49
N LEU A 111 9.98 -6.86 8.59
CA LEU A 111 9.13 -5.73 9.00
C LEU A 111 9.47 -4.60 8.06
N GLY A 112 8.46 -3.81 7.72
CA GLY A 112 8.63 -2.51 7.08
C GLY A 112 9.10 -1.53 8.07
N VAL A 113 9.96 -0.66 7.61
CA VAL A 113 10.49 0.44 8.41
C VAL A 113 9.60 1.68 8.20
N LEU A 114 9.09 2.31 9.30
CA LEU A 114 8.15 3.35 9.11
C LEU A 114 8.88 4.62 9.39
N PRO A 115 8.40 5.71 8.76
CA PRO A 115 8.95 7.02 8.98
C PRO A 115 8.90 7.49 10.39
N ARG A 116 9.80 8.35 10.75
CA ARG A 116 9.57 9.26 11.90
C ARG A 116 8.34 10.17 11.67
N ALA A 117 7.54 10.31 12.77
CA ALA A 117 6.31 11.17 12.87
C ALA A 117 6.61 12.52 12.20
N GLY A 118 5.79 12.95 11.25
CA GLY A 118 5.77 14.35 10.79
C GLY A 118 6.70 14.59 9.62
N THR A 119 7.48 13.56 9.25
CA THR A 119 8.38 13.56 8.06
C THR A 119 7.63 13.76 6.75
N ILE A 120 8.08 14.81 6.07
CA ILE A 120 7.65 15.06 4.74
C ILE A 120 8.86 14.85 3.81
N LEU A 121 8.70 14.38 2.61
CA LEU A 121 9.82 14.34 1.66
C LEU A 121 9.76 15.54 0.73
N ALA A 122 10.92 15.83 0.16
CA ALA A 122 11.21 16.88 -0.81
C ALA A 122 10.61 16.40 -2.10
N ASN A 123 10.17 17.27 -2.96
CA ASN A 123 9.64 16.89 -4.22
C ASN A 123 10.69 16.15 -5.00
N ASN A 124 10.17 15.31 -5.85
CA ASN A 124 10.94 14.48 -6.68
C ASN A 124 11.80 13.52 -5.91
N SER A 125 11.30 13.03 -4.76
CA SER A 125 12.04 12.05 -3.90
C SER A 125 11.89 10.65 -4.43
N PRO A 126 12.97 9.88 -4.35
CA PRO A 126 13.08 8.52 -4.95
C PRO A 126 12.30 7.46 -4.16
N CYS A 127 11.26 6.89 -4.84
CA CYS A 127 10.32 6.03 -4.23
C CYS A 127 9.85 4.99 -5.23
N TYR A 128 9.61 3.79 -4.73
CA TYR A 128 9.06 2.70 -5.52
C TYR A 128 7.72 2.29 -4.96
N ILE A 129 6.75 2.02 -5.87
CA ILE A 129 5.44 1.39 -5.58
C ILE A 129 5.48 -0.08 -5.93
N THR A 130 5.05 -0.91 -4.98
CA THR A 130 5.00 -2.35 -5.27
C THR A 130 3.58 -2.94 -5.22
N GLY A 131 3.34 -3.99 -5.94
CA GLY A 131 2.04 -4.57 -5.86
C GLY A 131 1.74 -5.56 -6.97
N TRP A 132 0.67 -6.37 -6.74
CA TRP A 132 0.14 -7.24 -7.71
C TRP A 132 -1.15 -6.71 -8.36
N GLY A 133 -1.33 -5.41 -8.42
CA GLY A 133 -2.59 -5.02 -8.99
C GLY A 133 -2.51 -4.84 -10.48
N LEU A 134 -3.67 -4.38 -11.11
CA LEU A 134 -3.78 -4.27 -12.56
C LEU A 134 -2.56 -3.68 -13.26
N THR A 135 -2.22 -4.28 -14.39
CA THR A 135 -1.03 -3.81 -15.11
C THR A 135 -1.37 -2.87 -16.25
N ARG A 136 -2.67 -2.64 -16.41
CA ARG A 136 -3.20 -1.56 -17.32
C ARG A 136 -4.50 -1.03 -16.69
N THR A 137 -4.92 0.18 -17.01
CA THR A 137 -6.30 0.57 -16.63
C THR A 137 -7.29 -0.45 -17.23
N ASN A 138 -8.15 -1.08 -16.44
CA ASN A 138 -9.20 -2.02 -16.77
C ASN A 138 -8.61 -3.30 -17.26
N GLY A 139 -7.36 -3.53 -16.83
CA GLY A 139 -6.61 -4.68 -17.30
C GLY A 139 -6.65 -5.81 -16.30
N GLN A 140 -5.58 -6.52 -16.24
CA GLN A 140 -5.62 -7.63 -15.31
C GLN A 140 -4.52 -7.57 -14.25
N LEU A 141 -4.74 -8.33 -13.18
CA LEU A 141 -3.78 -8.34 -12.04
C LEU A 141 -2.52 -8.92 -12.59
N ALA A 142 -1.43 -8.64 -11.90
CA ALA A 142 -0.13 -9.21 -12.24
C ALA A 142 -0.05 -10.59 -11.59
N GLN A 143 0.69 -11.62 -12.12
CA GLN A 143 0.92 -12.82 -11.27
C GLN A 143 2.12 -12.72 -10.37
N THR A 144 3.08 -11.89 -10.87
CA THR A 144 4.25 -11.60 -10.07
C THR A 144 4.38 -10.13 -9.61
N LEU A 145 4.95 -9.92 -8.42
CA LEU A 145 5.09 -8.60 -7.77
C LEU A 145 5.90 -7.68 -8.63
N GLN A 146 5.19 -6.63 -8.97
CA GLN A 146 5.68 -5.62 -9.84
C GLN A 146 6.12 -4.43 -9.03
N GLN A 147 7.07 -3.69 -9.62
CA GLN A 147 7.49 -2.50 -8.94
C GLN A 147 7.77 -1.43 -9.98
N ALA A 148 7.40 -0.21 -9.57
CA ALA A 148 7.56 0.94 -10.41
C ALA A 148 8.23 2.07 -9.68
N TYR A 149 9.15 2.82 -10.40
CA TYR A 149 9.76 4.01 -9.80
C TYR A 149 8.82 5.18 -9.93
N LEU A 150 8.51 5.79 -8.79
CA LEU A 150 7.44 6.77 -8.74
C LEU A 150 7.93 7.84 -7.81
N PRO A 151 8.69 8.84 -8.31
CA PRO A 151 9.04 10.04 -7.54
C PRO A 151 7.89 10.80 -6.86
N THR A 152 8.10 11.36 -5.72
CA THR A 152 7.03 12.11 -5.09
C THR A 152 6.78 13.45 -5.77
N VAL A 153 5.53 13.89 -5.62
CA VAL A 153 5.14 15.18 -6.09
C VAL A 153 4.68 15.87 -4.83
N ASP A 154 5.43 16.84 -4.43
CA ASP A 154 5.10 17.62 -3.25
C ASP A 154 3.71 18.29 -3.25
N TYR A 155 3.21 18.45 -2.03
CA TYR A 155 1.88 18.91 -1.75
C TYR A 155 1.47 20.12 -2.53
N ALA A 156 2.32 21.16 -2.45
CA ALA A 156 2.05 22.37 -3.21
C ALA A 156 1.86 22.20 -4.70
N ILE A 157 2.54 21.22 -5.29
CA ILE A 157 2.29 20.95 -6.67
C ILE A 157 1.10 20.07 -6.80
N CYS A 158 1.02 19.11 -5.87
CA CYS A 158 0.01 18.14 -6.03
C CYS A 158 -1.40 18.73 -5.88
N SER A 159 -1.60 19.48 -4.83
CA SER A 159 -2.83 20.26 -4.54
C SER A 159 -3.07 21.44 -5.51
N SER A 160 -2.22 21.62 -6.48
CA SER A 160 -2.51 22.68 -7.44
C SER A 160 -3.54 22.24 -8.48
N SER A 161 -4.27 23.22 -9.12
CA SER A 161 -5.47 22.93 -9.88
C SER A 161 -5.32 21.93 -10.99
N SER A 162 -4.11 21.91 -11.56
CA SER A 162 -3.71 21.17 -12.76
C SER A 162 -3.43 19.72 -12.44
N TYR A 163 -3.17 19.54 -11.11
CA TYR A 163 -2.96 18.23 -10.50
C TYR A 163 -4.24 17.70 -9.86
N TRP A 164 -4.28 17.60 -8.57
CA TRP A 164 -5.40 17.09 -7.92
C TRP A 164 -6.26 18.17 -7.32
N GLY A 165 -5.82 19.42 -7.24
CA GLY A 165 -6.67 20.41 -6.49
C GLY A 165 -6.89 20.03 -5.06
N SER A 166 -8.09 20.25 -4.59
CA SER A 166 -8.46 20.11 -3.23
C SER A 166 -8.84 18.70 -2.85
N THR A 167 -8.73 17.80 -3.82
CA THR A 167 -8.93 16.45 -3.56
C THR A 167 -7.92 15.76 -2.66
N VAL A 168 -6.68 16.35 -2.68
CA VAL A 168 -5.47 15.98 -1.98
C VAL A 168 -5.27 16.77 -0.72
N LYS A 169 -5.09 16.08 0.40
CA LYS A 169 -4.79 16.78 1.64
C LYS A 169 -3.33 16.60 2.04
N ASN A 170 -2.88 17.32 3.01
CA ASN A 170 -1.51 17.23 3.50
C ASN A 170 -1.24 16.01 4.39
N SER A 171 -2.28 15.21 4.71
CA SER A 171 -2.14 13.89 5.24
C SER A 171 -1.99 12.85 4.12
N MET A 172 -1.70 13.28 2.95
CA MET A 172 -1.46 12.34 1.82
C MET A 172 -0.08 12.56 1.18
N VAL A 173 0.44 11.55 0.46
CA VAL A 173 1.65 11.65 -0.38
C VAL A 173 1.26 11.53 -1.83
N CYS A 174 1.74 12.42 -2.70
CA CYS A 174 1.53 12.08 -4.08
C CYS A 174 2.83 11.73 -4.84
N ALA A 175 2.71 10.74 -5.66
CA ALA A 175 3.93 10.20 -6.22
C ALA A 175 3.54 9.88 -7.67
N GLY A 176 4.37 10.14 -8.64
CA GLY A 176 4.17 9.73 -10.00
C GLY A 176 3.51 10.79 -10.85
N GLY A 177 2.53 10.37 -11.66
CA GLY A 177 1.91 11.38 -12.55
C GLY A 177 2.45 11.50 -13.98
N ASP A 178 3.46 10.67 -14.37
CA ASP A 178 4.09 10.79 -15.65
C ASP A 178 3.25 10.37 -16.84
N GLY A 179 2.18 9.72 -16.58
CA GLY A 179 1.28 9.13 -17.58
C GLY A 179 1.60 7.69 -17.93
N VAL A 180 2.71 7.16 -17.41
CA VAL A 180 3.18 5.90 -17.85
C VAL A 180 3.14 4.92 -16.68
N ARG A 181 3.55 5.38 -15.54
CA ARG A 181 3.73 4.47 -14.42
C ARG A 181 2.77 4.88 -13.30
N SER A 182 2.17 3.96 -12.63
CA SER A 182 1.28 4.23 -11.53
C SER A 182 0.92 3.04 -10.74
N GLY A 183 0.16 3.36 -9.68
CA GLY A 183 -0.68 2.33 -8.97
C GLY A 183 -1.95 2.11 -9.75
N CYS A 184 -2.55 0.94 -9.54
CA CYS A 184 -3.84 0.71 -10.12
C CYS A 184 -4.61 -0.26 -9.23
N GLN A 185 -5.83 -0.66 -9.58
CA GLN A 185 -6.80 -1.33 -8.77
C GLN A 185 -6.09 -2.55 -8.28
N GLY A 186 -6.18 -2.88 -6.99
CA GLY A 186 -5.34 -4.04 -6.53
C GLY A 186 -4.06 -3.68 -5.85
N ASP A 187 -3.42 -2.51 -6.17
CA ASP A 187 -2.26 -2.12 -5.41
C ASP A 187 -2.65 -1.44 -4.12
N SER A 188 -3.90 -0.90 -3.98
CA SER A 188 -4.43 -0.22 -2.78
C SER A 188 -4.10 -0.90 -1.43
N GLY A 189 -3.51 -0.17 -0.49
CA GLY A 189 -3.20 -0.67 0.84
C GLY A 189 -1.72 -0.92 0.99
N GLY A 190 -1.07 -1.03 -0.18
CA GLY A 190 0.34 -1.37 -0.25
C GLY A 190 1.24 -0.18 0.01
N PRO A 191 2.52 -0.48 0.15
CA PRO A 191 3.65 0.41 0.30
C PRO A 191 4.08 1.29 -0.90
N LEU A 192 4.43 2.55 -0.52
CA LEU A 192 5.27 3.40 -1.28
C LEU A 192 6.57 3.37 -0.47
N HIS A 193 7.58 2.68 -1.06
CA HIS A 193 8.95 2.55 -0.45
C HIS A 193 9.84 3.70 -0.96
N CYS A 194 10.29 4.58 -0.07
CA CYS A 194 11.12 5.72 -0.28
C CYS A 194 12.44 5.67 0.45
N LEU A 195 13.48 6.01 -0.32
CA LEU A 195 14.87 5.96 0.10
C LEU A 195 15.27 7.20 0.86
N VAL A 196 15.48 7.05 2.13
CA VAL A 196 15.77 8.08 3.05
C VAL A 196 16.96 7.66 3.93
N ASN A 197 18.07 8.47 3.92
CA ASN A 197 19.35 8.15 4.61
C ASN A 197 19.75 6.70 4.49
N GLY A 198 19.74 6.21 3.27
CA GLY A 198 20.29 4.97 2.80
C GLY A 198 19.39 3.81 3.15
N GLN A 199 18.18 4.09 3.62
CA GLN A 199 17.29 2.95 3.97
C GLN A 199 15.90 3.09 3.36
N TYR A 200 15.31 2.03 2.82
CA TYR A 200 13.98 2.20 2.37
C TYR A 200 12.96 2.19 3.51
N ALA A 201 12.23 3.29 3.60
CA ALA A 201 11.10 3.30 4.52
C ALA A 201 9.72 3.44 3.83
N VAL A 202 8.64 2.85 4.49
CA VAL A 202 7.30 2.91 3.90
C VAL A 202 6.59 4.24 4.22
N HIS A 203 6.52 5.12 3.23
CA HIS A 203 6.00 6.43 3.51
C HIS A 203 4.53 6.58 3.09
N GLY A 204 4.06 5.72 2.14
CA GLY A 204 2.71 5.69 1.55
C GLY A 204 1.98 4.45 1.93
N VAL A 205 0.68 4.47 1.85
CA VAL A 205 -0.22 3.36 1.80
C VAL A 205 -1.12 3.71 0.65
N THR A 206 -1.04 2.98 -0.48
CA THR A 206 -1.75 3.26 -1.75
C THR A 206 -3.25 3.37 -1.61
N SER A 207 -3.76 4.55 -1.85
CA SER A 207 -5.15 4.89 -1.58
C SER A 207 -5.98 5.13 -2.86
N PHE A 208 -5.58 5.96 -3.83
CA PHE A 208 -6.41 6.15 -4.97
C PHE A 208 -5.65 6.73 -6.13
N VAL A 209 -6.33 6.58 -7.29
CA VAL A 209 -5.99 7.16 -8.59
C VAL A 209 -7.25 7.79 -9.17
N SER A 210 -7.12 8.37 -10.30
CA SER A 210 -8.12 9.18 -10.96
C SER A 210 -9.15 8.23 -11.56
N ARG A 211 -10.41 8.70 -11.58
CA ARG A 211 -11.46 7.89 -12.17
C ARG A 211 -11.26 7.85 -13.69
N LEU A 212 -10.40 8.78 -14.29
CA LEU A 212 -10.16 8.71 -15.75
C LEU A 212 -9.43 7.43 -16.07
N GLY A 213 -8.66 6.97 -15.07
CA GLY A 213 -7.66 5.93 -15.34
C GLY A 213 -6.42 5.96 -14.46
N CYS A 214 -5.71 4.78 -14.35
CA CYS A 214 -4.66 4.65 -13.39
C CYS A 214 -3.43 5.49 -13.72
N ASN A 215 -2.85 5.33 -14.95
CA ASN A 215 -1.81 6.19 -15.47
C ASN A 215 -2.23 7.42 -16.21
N VAL A 216 -2.52 8.46 -15.47
CA VAL A 216 -3.01 9.65 -16.16
C VAL A 216 -2.02 10.79 -15.92
N THR A 217 -1.56 11.47 -17.01
CA THR A 217 -0.69 12.63 -16.81
C THR A 217 -1.24 13.64 -15.82
N ARG A 218 -0.34 14.03 -14.92
CA ARG A 218 -0.56 15.06 -13.87
C ARG A 218 -1.69 14.64 -12.92
N LYS A 219 -1.89 13.31 -12.82
CA LYS A 219 -2.67 12.72 -11.72
C LYS A 219 -1.84 11.62 -11.06
N PRO A 220 -0.91 11.99 -10.18
CA PRO A 220 -0.27 11.02 -9.35
C PRO A 220 -1.19 10.06 -8.63
N THR A 221 -0.56 8.96 -8.40
CA THR A 221 -1.10 7.97 -7.47
C THR A 221 -1.12 8.66 -6.08
N VAL A 222 -2.20 8.43 -5.21
CA VAL A 222 -2.30 9.17 -3.98
C VAL A 222 -2.28 8.23 -2.81
N PHE A 223 -1.44 8.57 -1.80
CA PHE A 223 -1.19 7.62 -0.75
C PHE A 223 -1.49 8.21 0.57
N THR A 224 -1.81 7.45 1.57
CA THR A 224 -2.02 7.98 2.85
C THR A 224 -0.65 8.20 3.47
N ARG A 225 -0.31 9.41 3.90
CA ARG A 225 1.01 9.71 4.37
C ARG A 225 1.15 9.05 5.73
N VAL A 226 1.93 7.95 5.86
CA VAL A 226 2.12 7.22 7.04
C VAL A 226 2.70 8.03 8.18
N SER A 227 3.58 8.93 7.88
CA SER A 227 4.15 9.78 8.90
C SER A 227 3.18 10.69 9.65
N ALA A 228 1.95 10.84 9.06
CA ALA A 228 0.87 11.53 9.77
C ALA A 228 0.13 10.61 10.75
N TYR A 229 0.49 9.37 10.78
CA TYR A 229 -0.25 8.44 11.61
C TYR A 229 0.50 7.67 12.66
N ILE A 230 1.76 8.02 12.96
CA ILE A 230 2.61 7.13 13.75
C ILE A 230 2.11 6.98 15.20
N SER A 231 1.67 8.07 15.92
CA SER A 231 1.01 7.96 17.28
C SER A 231 -0.21 7.09 17.31
N TRP A 232 -1.10 7.28 16.33
CA TRP A 232 -2.22 6.37 16.05
C TRP A 232 -1.83 4.89 15.99
N ILE A 233 -0.82 4.65 15.08
CA ILE A 233 -0.25 3.33 14.90
C ILE A 233 0.34 2.71 16.15
N ASN A 234 1.10 3.52 16.88
CA ASN A 234 1.68 2.95 18.09
C ASN A 234 0.60 2.79 19.14
N ASN A 235 -0.42 3.71 19.16
CA ASN A 235 -1.53 3.66 20.14
C ASN A 235 -2.42 2.46 19.91
N VAL A 236 -2.49 1.97 18.64
CA VAL A 236 -3.30 0.78 18.43
C VAL A 236 -2.53 -0.46 18.87
N ILE A 237 -1.31 -0.46 18.47
CA ILE A 237 -0.49 -1.57 18.85
C ILE A 237 -0.27 -1.83 20.34
N ALA A 238 0.06 -0.74 21.05
CA ALA A 238 0.22 -0.81 22.52
C ALA A 238 -0.98 -1.40 23.26
N SER A 239 -2.19 -1.15 22.68
CA SER A 239 -3.46 -1.30 23.38
C SER A 239 -4.34 -2.44 22.88
N ASN A 240 -3.89 -3.15 21.85
CA ASN A 240 -4.68 -4.26 21.34
C ASN A 240 -3.78 -5.44 21.10
S SO4 B . 1.93 15.81 10.78
O1 SO4 B . 3.12 16.62 11.15
O2 SO4 B . 2.37 14.50 10.24
O3 SO4 B . 1.16 16.52 9.74
O4 SO4 B . 1.05 15.60 11.96
CA CA C . 3.08 -17.99 -4.66
C1 ICL D . -7.32 1.13 -4.45
O1 ICL D . -8.17 1.04 -3.55
C2 ICL D . -7.61 1.39 -5.78
C3 ICL D . -6.68 2.17 -6.50
CL ICL D . -5.21 2.51 -5.84
C4 ICL D . -7.05 2.64 -7.77
C5 ICL D . -8.27 2.26 -8.33
C6 ICL D . -9.17 1.44 -7.64
C7 ICL D . -8.86 1.01 -6.35
N1 ICL D . -9.70 0.03 -5.88
C8 ICL D . -9.25 -1.11 -5.28
O2 ICL D . -8.04 -1.44 -5.26
C9 ICL D . -10.22 -2.22 -4.94
C10 ICL D . -10.49 -2.06 -3.42
C11 ICL D . -10.39 -3.41 -2.69
C12 ICL D . -11.80 -1.32 -3.17
N2 ICL D . -9.54 -3.53 -5.23
C13 ICL D . -9.69 -4.25 -6.37
O3 ICL D . -10.46 -3.97 -7.32
O4 ICL D . -8.86 -5.29 -6.31
C14 ICL D . -8.78 -6.23 -7.47
C15 ICL D . -8.44 -5.45 -8.77
C16 ICL D . -10.10 -7.03 -7.66
C17 ICL D . -7.67 -7.24 -7.14
#